data_9GQ7
#
_entry.id   9GQ7
#
_cell.length_a   48.482
_cell.length_b   48.482
_cell.length_c   191.085
_cell.angle_alpha   90
_cell.angle_beta   90
_cell.angle_gamma   120
#
_symmetry.space_group_name_H-M   'P 32 2 1'
#
loop_
_entity.id
_entity.type
_entity.pdbx_description
1 polymer 'Peptidyl-prolyl cis-trans isomerase FKBP5'
2 non-polymer (2~{S},9~{S},14~{E})-2-cyclohexyl-19,22-dimethoxy-11,17-dioxa-4-azatricyclo[16.2.2.0^{4,9}]docosa-1(20),14,18,21-tetraene-3,10-dione
3 water water
#
_entity_poly.entity_id   1
_entity_poly.type   'polypeptide(L)'
_entity_poly.pdbx_seq_one_letter_code
;GAPATVTEQGEDITSKKDRGVLKIVKRVGNGEETPMIGDKVYVHYKGKLSNGKKFDSSHDRNEPFVFSLGKGQVIKAWDI
GVATMKKGEIAHLLIKPEYAYGSAGSLPKIPSNATLFFEIELLDFKGE
;
_entity_poly.pdbx_strand_id   B,A
#
loop_
_chem_comp.id
_chem_comp.type
_chem_comp.name
_chem_comp.formula
A1IN5 non-polymer (2~{S},9~{S},14~{E})-2-cyclohexyl-19,22-dimethoxy-11,17-dioxa-4-azatricyclo[16.2.2.0^{4,9}]docosa-1(20),14,18,21-tetraene-3,10-dione 'C27 H37 N O6'
#
# COMPACT_ATOMS: atom_id res chain seq x y z
N GLY A 1 -7.87 -21.70 22.46
CA GLY A 1 -7.06 -21.79 21.23
C GLY A 1 -6.00 -20.68 21.17
N ALA A 2 -5.17 -20.68 20.11
CA ALA A 2 -4.03 -19.79 19.97
C ALA A 2 -4.48 -18.33 19.96
N PRO A 3 -5.61 -17.97 19.26
CA PRO A 3 -6.12 -16.60 19.23
C PRO A 3 -6.76 -16.15 20.54
N ALA A 4 -7.49 -17.05 21.23
CA ALA A 4 -7.95 -16.75 22.58
C ALA A 4 -6.80 -16.26 23.46
N THR A 5 -5.78 -17.11 23.63
CA THR A 5 -4.53 -16.78 24.33
C THR A 5 -4.13 -15.34 23.96
N VAL A 6 -4.13 -14.95 22.66
CA VAL A 6 -3.65 -13.61 22.26
C VAL A 6 -4.55 -12.51 22.81
N THR A 7 -5.87 -12.73 22.74
CA THR A 7 -6.82 -11.87 23.44
C THR A 7 -6.42 -11.74 24.91
N GLU A 8 -5.98 -12.84 25.56
CA GLU A 8 -5.81 -12.91 27.01
C GLU A 8 -4.43 -12.41 27.46
N GLN A 9 -3.32 -12.89 26.87
CA GLN A 9 -1.99 -12.49 27.34
C GLN A 9 -1.27 -11.56 26.32
N GLY A 10 -1.86 -11.20 25.18
CA GLY A 10 -1.07 -10.59 24.11
C GLY A 10 -0.83 -9.11 24.36
N GLU A 11 0.38 -8.66 23.99
CA GLU A 11 0.84 -7.28 24.14
C GLU A 11 0.23 -6.42 23.03
N ASP A 12 -0.32 -5.26 23.44
CA ASP A 12 -0.89 -4.34 22.47
C ASP A 12 0.25 -3.55 21.91
N ILE A 13 0.54 -3.71 20.60
CA ILE A 13 1.70 -3.10 19.96
C ILE A 13 1.25 -1.99 19.02
N THR A 14 -0.01 -1.55 19.10
CA THR A 14 -0.39 -0.32 18.42
C THR A 14 0.12 0.94 19.15
N SER A 15 0.18 2.05 18.37
CA SER A 15 0.58 3.35 18.88
C SER A 15 -0.56 3.98 19.71
N LYS A 16 -1.79 3.87 19.18
CA LYS A 16 -2.98 4.42 19.80
C LYS A 16 -3.45 3.59 20.99
N LYS A 17 -2.81 2.45 21.25
CA LYS A 17 -3.20 1.53 22.32
C LYS A 17 -4.69 1.21 22.24
N ASP A 18 -5.14 0.73 21.07
CA ASP A 18 -6.53 0.44 20.84
C ASP A 18 -6.71 -1.06 20.72
N ARG A 19 -5.71 -1.85 21.09
CA ARG A 19 -5.77 -3.31 21.00
C ARG A 19 -6.03 -3.78 19.56
N GLY A 20 -5.74 -2.94 18.53
CA GLY A 20 -5.97 -3.30 17.12
C GLY A 20 -5.05 -4.42 16.61
N VAL A 21 -3.90 -4.55 17.25
CA VAL A 21 -2.91 -5.55 16.90
C VAL A 21 -2.35 -6.05 18.21
N LEU A 22 -2.64 -7.29 18.59
CA LEU A 22 -2.05 -7.91 19.76
C LEU A 22 -1.00 -8.94 19.38
N LYS A 23 0.05 -9.06 20.21
CA LYS A 23 1.14 -9.96 19.86
C LYS A 23 1.54 -10.89 20.99
N ILE A 24 1.82 -12.15 20.64
CA ILE A 24 2.57 -13.01 21.53
C ILE A 24 3.75 -13.58 20.78
N VAL A 25 4.90 -13.63 21.46
CA VAL A 25 6.10 -14.30 21.00
C VAL A 25 5.90 -15.76 21.34
N LYS A 26 6.04 -16.64 20.34
CA LYS A 26 5.92 -18.06 20.60
C LYS A 26 7.31 -18.69 20.61
N ARG A 27 8.21 -18.33 19.70
CA ARG A 27 9.60 -18.75 19.76
C ARG A 27 10.49 -17.50 19.68
N VAL A 28 11.44 -17.39 20.63
CA VAL A 28 12.32 -16.24 20.79
C VAL A 28 13.35 -16.32 19.69
N GLY A 29 13.61 -15.20 19.01
CA GLY A 29 14.60 -15.17 17.93
C GLY A 29 16.00 -14.84 18.44
N ASN A 30 16.89 -14.46 17.51
CA ASN A 30 18.27 -14.18 17.85
C ASN A 30 18.58 -12.71 17.53
N GLY A 31 19.40 -12.09 18.39
CA GLY A 31 19.94 -10.77 18.11
C GLY A 31 19.05 -9.64 18.62
N GLU A 32 19.64 -8.45 18.73
CA GLU A 32 18.96 -7.23 19.17
C GLU A 32 18.22 -6.58 17.99
N GLU A 33 18.57 -6.86 16.72
CA GLU A 33 18.14 -6.04 15.59
C GLU A 33 16.75 -6.46 15.08
N THR A 34 15.86 -5.49 14.86
CA THR A 34 14.59 -5.75 14.21
C THR A 34 14.56 -5.04 12.86
N PRO A 35 13.67 -5.44 11.93
CA PRO A 35 13.62 -4.77 10.64
C PRO A 35 13.29 -3.28 10.70
N MET A 36 14.03 -2.48 9.91
CA MET A 36 13.75 -1.06 9.66
C MET A 36 12.80 -0.90 8.45
N ILE A 37 12.13 0.24 8.34
CA ILE A 37 11.23 0.44 7.20
C ILE A 37 12.08 0.40 5.94
N GLY A 38 11.56 -0.25 4.90
CA GLY A 38 12.29 -0.33 3.63
C GLY A 38 13.11 -1.62 3.51
N ASP A 39 13.36 -2.28 4.64
CA ASP A 39 14.02 -3.58 4.63
C ASP A 39 13.23 -4.59 3.79
N LYS A 40 13.94 -5.43 3.02
CA LYS A 40 13.35 -6.59 2.38
C LYS A 40 13.19 -7.67 3.44
N VAL A 41 11.99 -8.24 3.59
CA VAL A 41 11.70 -9.13 4.71
C VAL A 41 11.21 -10.48 4.20
N TYR A 42 11.70 -11.57 4.81
CA TYR A 42 11.34 -12.92 4.39
C TYR A 42 10.63 -13.63 5.55
N VAL A 43 9.42 -14.16 5.32
CA VAL A 43 8.66 -14.79 6.39
C VAL A 43 8.02 -16.08 5.88
N HIS A 44 7.69 -16.98 6.81
CA HIS A 44 6.63 -17.94 6.61
C HIS A 44 5.46 -17.55 7.50
N TYR A 45 4.25 -17.87 7.07
CA TYR A 45 3.11 -17.49 7.89
C TYR A 45 1.96 -18.45 7.71
N LYS A 46 1.05 -18.42 8.67
CA LYS A 46 -0.22 -19.10 8.53
C LYS A 46 -1.23 -18.07 9.00
N GLY A 47 -2.35 -18.05 8.32
CA GLY A 47 -3.30 -16.97 8.51
C GLY A 47 -4.70 -17.55 8.46
N LYS A 48 -5.63 -16.93 9.18
CA LYS A 48 -7.01 -17.32 9.11
C LYS A 48 -7.89 -16.15 9.54
N LEU A 49 -9.17 -16.26 9.16
CA LEU A 49 -10.21 -15.36 9.58
C LEU A 49 -10.69 -15.87 10.93
N SER A 50 -11.14 -14.97 11.78
CA SER A 50 -11.72 -15.40 13.06
C SER A 50 -13.09 -16.05 12.83
N ASN A 51 -13.81 -15.75 11.72
CA ASN A 51 -15.03 -16.47 11.44
C ASN A 51 -14.77 -17.96 11.13
N GLY A 52 -13.49 -18.37 10.96
CA GLY A 52 -13.08 -19.77 10.80
C GLY A 52 -13.39 -20.36 9.42
N LYS A 53 -13.77 -19.52 8.43
CA LYS A 53 -14.26 -19.97 7.12
C LYS A 53 -13.10 -19.97 6.09
N LYS A 54 -11.96 -19.27 6.32
CA LYS A 54 -10.85 -19.20 5.37
C LYS A 54 -9.48 -19.23 6.09
N PHE A 55 -8.58 -20.11 5.60
CA PHE A 55 -7.20 -20.26 6.05
C PHE A 55 -6.22 -20.07 4.88
N ASP A 56 -4.95 -19.74 5.19
CA ASP A 56 -3.98 -19.46 4.15
C ASP A 56 -2.58 -19.62 4.72
N SER A 57 -1.66 -20.25 3.98
CA SER A 57 -0.29 -20.37 4.45
C SER A 57 0.68 -20.15 3.31
N SER A 58 1.79 -19.46 3.59
CA SER A 58 2.96 -19.35 2.72
C SER A 58 3.49 -20.71 2.32
N HIS A 59 3.50 -21.64 3.29
CA HIS A 59 4.10 -22.95 3.08
C HIS A 59 3.48 -23.63 1.86
N ASP A 60 2.16 -23.40 1.65
CA ASP A 60 1.42 -23.98 0.54
C ASP A 60 1.96 -23.59 -0.84
N ARG A 61 2.46 -22.35 -0.99
CA ARG A 61 3.03 -21.94 -2.27
C ARG A 61 4.47 -22.44 -2.38
N ASN A 62 4.97 -23.15 -1.36
CA ASN A 62 6.31 -23.71 -1.31
C ASN A 62 7.35 -22.60 -1.56
N GLU A 63 7.14 -21.43 -0.95
CA GLU A 63 7.99 -20.25 -1.13
C GLU A 63 7.78 -19.34 0.09
N PRO A 64 8.85 -18.83 0.74
CA PRO A 64 8.70 -17.74 1.69
C PRO A 64 7.89 -16.61 1.09
N PHE A 65 7.26 -15.83 1.97
CA PHE A 65 6.62 -14.59 1.60
C PHE A 65 7.62 -13.45 1.85
N VAL A 66 7.82 -12.66 0.78
CA VAL A 66 8.83 -11.64 0.72
C VAL A 66 8.04 -10.37 0.46
N PHE A 67 8.42 -9.32 1.20
CA PHE A 67 7.77 -8.01 1.10
C PHE A 67 8.74 -6.98 1.67
N SER A 68 8.54 -5.73 1.27
CA SER A 68 9.33 -4.60 1.77
C SER A 68 8.53 -3.90 2.87
N LEU A 69 9.15 -3.84 4.06
CA LEU A 69 8.50 -3.40 5.29
C LEU A 69 8.21 -1.92 5.20
N GLY A 70 6.99 -1.55 5.52
CA GLY A 70 6.54 -0.17 5.47
C GLY A 70 6.18 0.35 4.08
N LYS A 71 6.24 -0.47 3.01
CA LYS A 71 6.13 0.10 1.66
C LYS A 71 4.68 -0.08 1.19
N GLY A 72 3.77 -0.36 2.13
CA GLY A 72 2.34 -0.47 1.83
C GLY A 72 1.95 -1.75 1.08
N GLN A 73 2.77 -2.80 1.10
CA GLN A 73 2.43 -3.96 0.29
C GLN A 73 1.66 -4.98 1.12
N VAL A 74 1.64 -4.83 2.45
CA VAL A 74 0.88 -5.71 3.32
C VAL A 74 -0.05 -4.88 4.19
N ILE A 75 -0.98 -5.50 4.93
CA ILE A 75 -1.79 -4.75 5.88
C ILE A 75 -0.91 -4.07 6.96
N LYS A 76 -1.42 -2.94 7.49
CA LYS A 76 -0.72 -2.12 8.50
C LYS A 76 -0.31 -2.99 9.67
N ALA A 77 -1.14 -3.95 10.07
CA ALA A 77 -0.76 -4.84 11.17
C ALA A 77 0.56 -5.56 10.94
N TRP A 78 0.83 -5.95 9.68
CA TRP A 78 2.08 -6.63 9.33
C TRP A 78 3.26 -5.65 9.41
N ASP A 79 3.14 -4.48 8.81
CA ASP A 79 4.16 -3.48 8.93
C ASP A 79 4.44 -3.19 10.40
N ILE A 80 3.41 -3.01 11.23
CA ILE A 80 3.63 -2.78 12.66
C ILE A 80 4.22 -4.03 13.32
N GLY A 81 3.59 -5.18 13.07
CA GLY A 81 3.92 -6.41 13.76
C GLY A 81 5.28 -6.98 13.39
N VAL A 82 5.64 -7.03 12.11
CA VAL A 82 6.91 -7.61 11.74
C VAL A 82 8.06 -6.70 12.13
N ALA A 83 7.82 -5.39 12.23
CA ALA A 83 8.86 -4.48 12.73
C ALA A 83 9.33 -4.85 14.13
N THR A 84 8.49 -5.51 14.93
CA THR A 84 8.81 -5.86 16.32
C THR A 84 9.56 -7.19 16.39
N MET A 85 9.78 -7.90 15.28
CA MET A 85 10.29 -9.26 15.36
C MET A 85 11.80 -9.35 15.09
N LYS A 86 12.45 -10.38 15.67
CA LYS A 86 13.89 -10.58 15.54
C LYS A 86 14.11 -11.80 14.61
N LYS A 87 15.30 -11.89 13.98
CA LYS A 87 15.62 -12.96 13.05
C LYS A 87 15.33 -14.25 13.82
N GLY A 88 14.51 -15.13 13.24
CA GLY A 88 14.30 -16.46 13.81
C GLY A 88 13.09 -16.56 14.75
N GLU A 89 12.55 -15.41 15.17
CA GLU A 89 11.35 -15.37 16.01
C GLU A 89 10.09 -15.94 15.28
N ILE A 90 9.21 -16.52 16.10
CA ILE A 90 7.84 -16.87 15.72
C ILE A 90 6.90 -16.14 16.67
N ALA A 91 5.89 -15.47 16.07
CA ALA A 91 4.90 -14.74 16.81
C ALA A 91 3.48 -15.05 16.31
N HIS A 92 2.51 -14.79 17.20
CA HIS A 92 1.08 -14.78 16.93
C HIS A 92 0.56 -13.35 17.03
N LEU A 93 -0.21 -12.90 16.03
CA LEU A 93 -0.84 -11.60 15.98
C LEU A 93 -2.33 -11.80 15.82
N LEU A 94 -3.12 -11.12 16.66
CA LEU A 94 -4.56 -11.01 16.47
C LEU A 94 -4.89 -9.56 16.11
N ILE A 95 -5.68 -9.39 15.06
CA ILE A 95 -5.82 -8.10 14.40
C ILE A 95 -7.27 -7.71 14.17
N LYS A 96 -7.63 -6.48 14.59
CA LYS A 96 -8.97 -5.95 14.32
C LYS A 96 -9.01 -5.26 12.96
N PRO A 97 -10.22 -5.08 12.37
CA PRO A 97 -10.36 -4.61 10.99
C PRO A 97 -9.68 -3.33 10.65
N GLU A 98 -9.58 -2.40 11.58
CA GLU A 98 -8.95 -1.12 11.29
C GLU A 98 -7.48 -1.29 10.88
N TYR A 99 -6.79 -2.37 11.30
CA TYR A 99 -5.40 -2.64 10.92
C TYR A 99 -5.33 -3.76 9.86
N ALA A 100 -6.46 -4.09 9.26
CA ALA A 100 -6.52 -5.13 8.25
C ALA A 100 -7.26 -4.64 6.99
N TYR A 101 -8.49 -5.07 6.75
CA TYR A 101 -9.21 -4.70 5.52
C TYR A 101 -10.42 -3.82 5.79
N GLY A 102 -10.64 -3.52 7.08
CA GLY A 102 -11.54 -2.45 7.45
C GLY A 102 -12.95 -2.79 7.10
N SER A 103 -13.75 -1.73 7.01
CA SER A 103 -15.16 -1.93 6.81
C SER A 103 -15.42 -2.44 5.40
N ALA A 104 -14.55 -2.10 4.43
CA ALA A 104 -14.84 -2.48 3.07
C ALA A 104 -14.50 -3.95 2.84
N GLY A 105 -13.60 -4.49 3.65
CA GLY A 105 -13.11 -5.83 3.41
C GLY A 105 -12.40 -5.89 2.06
N SER A 106 -12.21 -7.11 1.56
CA SER A 106 -11.56 -7.36 0.31
C SER A 106 -12.31 -8.56 -0.24
N LEU A 107 -13.52 -8.21 -0.68
CA LEU A 107 -14.56 -9.14 -1.06
C LEU A 107 -14.09 -9.91 -2.29
N PRO A 108 -14.22 -11.25 -2.28
CA PRO A 108 -14.83 -11.96 -1.18
C PRO A 108 -13.80 -12.65 -0.30
N LYS A 109 -12.50 -12.54 -0.62
CA LYS A 109 -11.42 -13.14 0.19
C LYS A 109 -11.60 -12.79 1.68
N ILE A 110 -11.80 -11.51 1.96
CA ILE A 110 -11.92 -11.02 3.31
C ILE A 110 -13.25 -10.29 3.41
N PRO A 111 -14.14 -10.71 4.35
CA PRO A 111 -15.45 -10.04 4.49
C PRO A 111 -15.33 -8.69 5.19
N SER A 112 -16.43 -7.92 5.16
CA SER A 112 -16.50 -6.66 5.90
C SER A 112 -16.10 -6.82 7.36
N ASN A 113 -15.28 -5.90 7.88
CA ASN A 113 -15.05 -5.80 9.31
C ASN A 113 -14.57 -7.12 9.91
N ALA A 114 -13.67 -7.81 9.21
CA ALA A 114 -13.09 -9.06 9.68
C ALA A 114 -11.92 -8.87 10.67
N THR A 115 -11.86 -9.75 11.66
CA THR A 115 -10.67 -9.93 12.45
C THR A 115 -9.85 -11.11 11.92
N LEU A 116 -8.53 -10.96 11.96
CA LEU A 116 -7.56 -11.89 11.42
C LEU A 116 -6.55 -12.34 12.48
N PHE A 117 -6.12 -13.60 12.37
CA PHE A 117 -5.08 -14.17 13.17
C PHE A 117 -3.98 -14.66 12.22
N PHE A 118 -2.73 -14.41 12.61
CA PHE A 118 -1.59 -14.95 11.92
C PHE A 118 -0.62 -15.54 12.92
N GLU A 119 0.06 -16.59 12.45
CA GLU A 119 1.31 -17.07 13.02
C GLU A 119 2.42 -16.74 12.01
N ILE A 120 3.46 -16.00 12.45
CA ILE A 120 4.48 -15.51 11.54
C ILE A 120 5.83 -15.89 12.06
N GLU A 121 6.67 -16.46 11.17
CA GLU A 121 8.09 -16.68 11.43
C GLU A 121 8.92 -15.73 10.58
N LEU A 122 9.74 -14.92 11.26
CA LEU A 122 10.68 -14.06 10.60
C LEU A 122 11.95 -14.85 10.26
N LEU A 123 12.14 -15.10 8.96
CA LEU A 123 13.29 -15.84 8.49
C LEU A 123 14.54 -14.97 8.41
N ASP A 124 14.42 -13.80 7.77
CA ASP A 124 15.55 -12.96 7.38
C ASP A 124 15.03 -11.58 6.98
N PHE A 125 15.84 -10.52 7.16
CA PHE A 125 15.52 -9.22 6.60
C PHE A 125 16.80 -8.54 6.13
N LYS A 126 16.90 -8.26 4.82
CA LYS A 126 18.04 -7.60 4.19
C LYS A 126 17.73 -6.10 4.06
N GLY A 127 18.76 -5.27 4.12
CA GLY A 127 18.64 -3.87 3.74
C GLY A 127 18.43 -3.72 2.23
N GLU A 128 17.51 -2.81 1.88
CA GLU A 128 17.44 -2.29 0.52
C GLU A 128 18.81 -1.67 0.12
N THR B 5 -19.48 8.22 -23.69
CA THR B 5 -18.13 7.89 -23.15
C THR B 5 -18.17 6.63 -22.27
N VAL B 6 -17.00 5.94 -22.16
CA VAL B 6 -16.83 4.70 -21.36
C VAL B 6 -15.78 4.96 -20.25
N THR B 7 -15.85 4.13 -19.19
CA THR B 7 -14.96 4.18 -18.03
C THR B 7 -13.52 4.00 -18.50
N GLU B 8 -13.27 2.87 -19.19
CA GLU B 8 -11.94 2.39 -19.56
C GLU B 8 -11.50 3.05 -20.87
N GLN B 9 -11.66 4.36 -20.94
CA GLN B 9 -11.15 5.14 -22.05
C GLN B 9 -9.81 5.74 -21.62
N GLY B 10 -9.09 6.22 -22.62
CA GLY B 10 -7.79 6.81 -22.44
C GLY B 10 -6.71 5.85 -22.94
N GLU B 11 -5.49 6.32 -22.93
CA GLU B 11 -4.37 5.58 -23.48
C GLU B 11 -3.79 4.75 -22.36
N ASP B 12 -3.48 3.50 -22.71
CA ASP B 12 -2.89 2.62 -21.76
C ASP B 12 -1.41 2.95 -21.84
N ILE B 13 -0.89 3.54 -20.75
CA ILE B 13 0.49 3.98 -20.65
C ILE B 13 1.26 3.02 -19.73
N THR B 14 0.74 1.81 -19.50
CA THR B 14 1.48 0.81 -18.74
C THR B 14 2.52 0.11 -19.63
N SER B 15 3.52 -0.50 -18.99
CA SER B 15 4.54 -1.31 -19.66
C SER B 15 3.97 -2.66 -20.12
N LYS B 16 3.18 -3.27 -19.22
CA LYS B 16 2.62 -4.60 -19.42
C LYS B 16 1.45 -4.52 -20.43
N LYS B 17 1.03 -3.31 -20.80
CA LYS B 17 -0.17 -3.12 -21.61
C LYS B 17 -1.35 -3.93 -21.03
N ASP B 18 -1.63 -3.74 -19.73
CA ASP B 18 -2.70 -4.42 -19.04
C ASP B 18 -3.82 -3.44 -18.72
N ARG B 19 -3.75 -2.20 -19.22
CA ARG B 19 -4.85 -1.24 -19.07
C ARG B 19 -5.02 -0.86 -17.60
N GLY B 20 -3.95 -1.03 -16.80
CA GLY B 20 -3.98 -0.66 -15.38
C GLY B 20 -4.06 0.86 -15.15
N VAL B 21 -3.59 1.65 -16.13
CA VAL B 21 -3.45 3.08 -15.98
C VAL B 21 -3.80 3.69 -17.31
N LEU B 22 -4.96 4.35 -17.35
CA LEU B 22 -5.50 4.98 -18.54
C LEU B 22 -5.39 6.48 -18.42
N LYS B 23 -4.96 7.16 -19.51
CA LYS B 23 -4.67 8.60 -19.43
C LYS B 23 -5.42 9.37 -20.52
N ILE B 24 -5.97 10.51 -20.15
CA ILE B 24 -6.42 11.44 -21.16
C ILE B 24 -5.79 12.79 -20.91
N VAL B 25 -5.35 13.45 -21.99
CA VAL B 25 -4.85 14.82 -21.96
C VAL B 25 -6.09 15.69 -22.05
N LYS B 26 -6.24 16.63 -21.12
CA LYS B 26 -7.40 17.53 -21.11
C LYS B 26 -7.03 18.93 -21.57
N ARG B 27 -5.85 19.41 -21.15
CA ARG B 27 -5.28 20.65 -21.68
C ARG B 27 -3.85 20.35 -22.10
N VAL B 28 -3.51 20.75 -23.34
CA VAL B 28 -2.21 20.48 -23.94
C VAL B 28 -1.21 21.45 -23.29
N GLY B 29 -0.05 20.94 -22.88
CA GLY B 29 0.98 21.80 -22.30
C GLY B 29 2.01 22.19 -23.36
N ASN B 30 3.12 22.78 -22.91
CA ASN B 30 4.11 23.37 -23.80
C ASN B 30 5.43 22.60 -23.72
N GLY B 31 6.25 22.81 -24.75
CA GLY B 31 7.57 22.23 -24.77
C GLY B 31 7.58 20.86 -25.41
N GLU B 32 8.76 20.48 -25.92
CA GLU B 32 9.02 19.15 -26.47
C GLU B 32 9.26 18.17 -25.30
N GLU B 33 9.65 18.65 -24.11
CA GLU B 33 10.30 17.80 -23.14
C GLU B 33 9.31 17.39 -22.05
N THR B 34 9.42 16.16 -21.58
CA THR B 34 8.75 15.72 -20.38
C THR B 34 9.75 15.49 -19.25
N PRO B 35 9.33 15.36 -17.99
CA PRO B 35 10.26 15.10 -16.92
C PRO B 35 11.05 13.78 -17.07
N MET B 36 12.35 13.87 -16.75
CA MET B 36 13.24 12.71 -16.61
C MET B 36 13.13 12.16 -15.19
N ILE B 37 13.42 10.87 -15.03
CA ILE B 37 13.43 10.27 -13.70
C ILE B 37 14.39 11.09 -12.82
N GLY B 38 13.97 11.44 -11.61
CA GLY B 38 14.84 12.19 -10.71
C GLY B 38 14.59 13.69 -10.68
N ASP B 39 13.93 14.20 -11.73
CA ASP B 39 13.51 15.59 -11.76
C ASP B 39 12.60 15.91 -10.57
N LYS B 40 12.75 17.11 -10.00
CA LYS B 40 11.83 17.63 -9.01
C LYS B 40 10.61 18.14 -9.78
N VAL B 41 9.43 17.70 -9.38
CA VAL B 41 8.22 17.94 -10.15
C VAL B 41 7.21 18.68 -9.28
N TYR B 42 6.57 19.71 -9.84
CA TYR B 42 5.57 20.49 -9.11
C TYR B 42 4.22 20.32 -9.81
N VAL B 43 3.18 19.89 -9.08
CA VAL B 43 1.87 19.70 -9.69
C VAL B 43 0.79 20.30 -8.80
N HIS B 44 -0.40 20.52 -9.40
CA HIS B 44 -1.66 20.63 -8.66
C HIS B 44 -2.51 19.43 -9.05
N TYR B 45 -3.35 18.94 -8.11
CA TYR B 45 -4.14 17.75 -8.43
C TYR B 45 -5.52 17.81 -7.75
N LYS B 46 -6.50 17.14 -8.37
CA LYS B 46 -7.77 16.82 -7.73
C LYS B 46 -7.88 15.30 -7.81
N GLY B 47 -8.01 14.62 -6.66
CA GLY B 47 -7.97 13.18 -6.65
C GLY B 47 -9.16 12.64 -5.87
N LYS B 48 -9.58 11.42 -6.25
CA LYS B 48 -10.78 10.86 -5.64
C LYS B 48 -10.74 9.37 -5.85
N LEU B 49 -11.45 8.66 -4.94
CA LEU B 49 -11.75 7.24 -5.08
C LEU B 49 -12.90 7.19 -6.10
N SER B 50 -13.01 6.10 -6.87
CA SER B 50 -14.11 6.01 -7.81
C SER B 50 -15.46 5.79 -7.11
N ASN B 51 -15.45 5.19 -5.90
CA ASN B 51 -16.68 5.03 -5.14
C ASN B 51 -17.22 6.40 -4.67
N GLY B 52 -16.45 7.50 -4.84
CA GLY B 52 -16.85 8.88 -4.50
C GLY B 52 -16.99 9.18 -2.99
N LYS B 53 -16.33 8.38 -2.12
CA LYS B 53 -16.47 8.50 -0.67
C LYS B 53 -15.34 9.39 -0.12
N LYS B 54 -14.26 9.60 -0.92
CA LYS B 54 -13.09 10.39 -0.51
C LYS B 54 -12.56 11.18 -1.72
N PHE B 55 -12.34 12.49 -1.46
CA PHE B 55 -11.68 13.43 -2.37
C PHE B 55 -10.52 14.14 -1.67
N ASP B 56 -9.60 14.64 -2.46
CA ASP B 56 -8.36 15.18 -1.92
C ASP B 56 -7.68 16.00 -2.99
N SER B 57 -7.28 17.21 -2.64
CA SER B 57 -6.85 18.18 -3.61
C SER B 57 -5.70 18.97 -3.03
N SER B 58 -4.71 19.26 -3.87
CA SER B 58 -3.61 20.14 -3.54
C SER B 58 -4.10 21.54 -3.18
N HIS B 59 -5.24 21.96 -3.74
CA HIS B 59 -5.82 23.25 -3.45
C HIS B 59 -6.29 23.32 -1.99
N ASP B 60 -6.69 22.20 -1.38
CA ASP B 60 -7.03 22.18 0.05
C ASP B 60 -5.85 22.61 0.94
N ARG B 61 -4.58 22.50 0.51
CA ARG B 61 -3.45 23.02 1.30
C ARG B 61 -3.11 24.44 0.83
N ASN B 62 -3.74 24.93 -0.25
CA ASN B 62 -3.28 26.10 -0.99
C ASN B 62 -1.77 26.01 -1.30
N GLU B 63 -1.25 24.82 -1.69
CA GLU B 63 0.18 24.65 -1.97
C GLU B 63 0.38 23.60 -3.08
N PRO B 64 1.21 23.84 -4.11
CA PRO B 64 1.58 22.77 -5.05
C PRO B 64 2.08 21.53 -4.33
N PHE B 65 1.91 20.37 -4.97
CA PHE B 65 2.51 19.13 -4.52
C PHE B 65 3.81 18.90 -5.29
N VAL B 66 4.88 18.64 -4.51
CA VAL B 66 6.21 18.45 -5.04
C VAL B 66 6.64 17.02 -4.73
N PHE B 67 7.42 16.41 -5.64
CA PHE B 67 7.95 15.06 -5.50
C PHE B 67 9.02 14.86 -6.56
N SER B 68 9.89 13.86 -6.33
CA SER B 68 10.95 13.52 -7.26
C SER B 68 10.51 12.32 -8.09
N LEU B 69 10.52 12.47 -9.41
CA LEU B 69 9.90 11.52 -10.31
C LEU B 69 10.70 10.24 -10.37
N GLY B 70 10.00 9.10 -10.29
CA GLY B 70 10.61 7.80 -10.28
C GLY B 70 11.15 7.34 -8.91
N LYS B 71 11.16 8.17 -7.85
CA LYS B 71 11.81 7.80 -6.60
C LYS B 71 10.85 7.00 -5.69
N GLY B 72 9.63 6.72 -6.14
CA GLY B 72 8.70 5.90 -5.38
C GLY B 72 8.07 6.63 -4.19
N GLN B 73 8.05 7.95 -4.17
CA GLN B 73 7.35 8.71 -3.14
C GLN B 73 5.85 8.85 -3.44
N VAL B 74 5.45 8.47 -4.67
CA VAL B 74 4.05 8.46 -5.04
C VAL B 74 3.71 7.07 -5.58
N ILE B 75 2.43 6.82 -5.82
CA ILE B 75 2.04 5.54 -6.41
C ILE B 75 2.68 5.38 -7.81
N LYS B 76 2.89 4.11 -8.22
CA LYS B 76 3.45 3.75 -9.53
C LYS B 76 2.74 4.52 -10.67
N ALA B 77 1.41 4.67 -10.62
CA ALA B 77 0.69 5.36 -11.68
C ALA B 77 1.16 6.80 -11.85
N TRP B 78 1.51 7.48 -10.74
CA TRP B 78 1.99 8.85 -10.79
C TRP B 78 3.36 8.90 -11.47
N ASP B 79 4.31 8.09 -11.00
CA ASP B 79 5.62 8.06 -11.62
C ASP B 79 5.53 7.74 -13.10
N ILE B 80 4.72 6.74 -13.48
CA ILE B 80 4.49 6.47 -14.91
C ILE B 80 3.78 7.64 -15.59
N GLY B 81 2.72 8.15 -14.97
CA GLY B 81 1.83 9.10 -15.59
C GLY B 81 2.44 10.50 -15.76
N VAL B 82 3.09 11.04 -14.71
CA VAL B 82 3.65 12.36 -14.80
C VAL B 82 4.86 12.39 -15.75
N ALA B 83 5.58 11.26 -15.92
CA ALA B 83 6.65 11.19 -16.89
C ALA B 83 6.19 11.52 -18.31
N THR B 84 4.92 11.28 -18.62
CA THR B 84 4.40 11.45 -19.97
C THR B 84 3.95 12.88 -20.21
N MET B 85 3.97 13.77 -19.17
CA MET B 85 3.26 15.04 -19.25
C MET B 85 4.22 16.19 -19.57
N LYS B 86 3.66 17.27 -20.14
CA LYS B 86 4.47 18.43 -20.51
C LYS B 86 4.12 19.58 -19.58
N LYS B 87 5.05 20.53 -19.43
CA LYS B 87 4.81 21.65 -18.53
C LYS B 87 3.53 22.34 -18.98
N GLY B 88 2.64 22.62 -18.02
CA GLY B 88 1.37 23.29 -18.30
C GLY B 88 0.21 22.33 -18.67
N GLU B 89 0.49 21.06 -18.97
CA GLU B 89 -0.53 20.07 -19.30
C GLU B 89 -1.43 19.74 -18.10
N ILE B 90 -2.70 19.45 -18.45
CA ILE B 90 -3.64 18.87 -17.53
C ILE B 90 -4.09 17.56 -18.12
N ALA B 91 -3.94 16.53 -17.32
CA ALA B 91 -4.36 15.18 -17.67
C ALA B 91 -5.22 14.57 -16.57
N HIS B 92 -6.00 13.56 -17.01
CA HIS B 92 -6.79 12.70 -16.17
C HIS B 92 -6.22 11.29 -16.24
N LEU B 93 -6.06 10.67 -15.06
CA LEU B 93 -5.60 9.32 -14.97
C LEU B 93 -6.67 8.47 -14.30
N LEU B 94 -6.94 7.29 -14.86
CA LEU B 94 -7.80 6.30 -14.24
C LEU B 94 -6.96 5.07 -13.88
N ILE B 95 -6.96 4.75 -12.59
CA ILE B 95 -5.92 3.91 -12.04
C ILE B 95 -6.53 2.69 -11.33
N LYS B 96 -6.25 1.48 -11.83
CA LYS B 96 -6.56 0.25 -11.11
C LYS B 96 -5.59 0.03 -9.91
N PRO B 97 -5.97 -0.79 -8.92
CA PRO B 97 -5.23 -0.94 -7.68
C PRO B 97 -3.79 -1.40 -7.84
N GLU B 98 -3.48 -2.20 -8.86
CA GLU B 98 -2.13 -2.72 -9.04
C GLU B 98 -1.13 -1.59 -9.26
N TYR B 99 -1.59 -0.40 -9.71
CA TYR B 99 -0.72 0.76 -9.92
C TYR B 99 -0.97 1.82 -8.83
N ALA B 100 -1.64 1.43 -7.75
CA ALA B 100 -1.94 2.36 -6.66
C ALA B 100 -1.70 1.69 -5.31
N TYR B 101 -2.73 1.21 -4.59
CA TYR B 101 -2.54 0.70 -3.22
C TYR B 101 -2.81 -0.79 -3.10
N GLY B 102 -3.14 -1.41 -4.22
CA GLY B 102 -3.19 -2.85 -4.32
C GLY B 102 -4.23 -3.45 -3.38
N SER B 103 -4.06 -4.74 -3.14
CA SER B 103 -5.02 -5.46 -2.35
C SER B 103 -4.86 -5.08 -0.87
N ALA B 104 -3.71 -4.55 -0.41
CA ALA B 104 -3.59 -4.19 1.01
C ALA B 104 -4.30 -2.88 1.31
N GLY B 105 -4.45 -2.03 0.28
CA GLY B 105 -5.05 -0.71 0.48
C GLY B 105 -4.13 0.13 1.34
N SER B 106 -4.69 1.21 1.91
CA SER B 106 -3.96 2.14 2.76
C SER B 106 -4.96 2.77 3.73
N LEU B 107 -5.50 1.92 4.58
CA LEU B 107 -6.49 2.27 5.58
C LEU B 107 -5.84 3.24 6.54
N PRO B 108 -6.60 4.27 6.99
CA PRO B 108 -8.02 4.36 6.65
C PRO B 108 -8.39 5.16 5.40
N LYS B 109 -7.43 5.80 4.72
CA LYS B 109 -7.75 6.63 3.56
C LYS B 109 -8.27 5.76 2.39
N ILE B 110 -7.54 4.70 2.00
CA ILE B 110 -7.83 3.96 0.79
C ILE B 110 -8.19 2.52 1.15
N PRO B 111 -9.33 1.98 0.63
CA PRO B 111 -9.69 0.58 0.84
C PRO B 111 -8.92 -0.38 -0.04
N SER B 112 -9.10 -1.67 0.22
CA SER B 112 -8.51 -2.71 -0.61
C SER B 112 -8.99 -2.60 -2.06
N ASN B 113 -8.12 -2.87 -3.00
CA ASN B 113 -8.47 -2.94 -4.42
C ASN B 113 -9.28 -1.73 -4.89
N ALA B 114 -8.94 -0.52 -4.40
CA ALA B 114 -9.59 0.70 -4.86
C ALA B 114 -9.07 1.14 -6.22
N THR B 115 -9.99 1.65 -7.03
CA THR B 115 -9.66 2.38 -8.23
C THR B 115 -9.70 3.87 -7.90
N LEU B 116 -8.68 4.60 -8.41
CA LEU B 116 -8.50 6.05 -8.20
C LEU B 116 -8.57 6.82 -9.52
N PHE B 117 -9.00 8.09 -9.40
CA PHE B 117 -9.05 9.07 -10.45
C PHE B 117 -8.28 10.30 -9.99
N PHE B 118 -7.44 10.83 -10.89
CA PHE B 118 -6.77 12.09 -10.67
C PHE B 118 -6.95 12.99 -11.86
N GLU B 119 -7.08 14.29 -11.56
CA GLU B 119 -6.77 15.36 -12.47
C GLU B 119 -5.47 16.00 -12.01
N ILE B 120 -4.46 16.00 -12.88
CA ILE B 120 -3.15 16.51 -12.56
C ILE B 120 -2.78 17.61 -13.54
N GLU B 121 -2.33 18.74 -12.98
CA GLU B 121 -1.69 19.81 -13.73
C GLU B 121 -0.21 19.80 -13.41
N LEU B 122 0.60 19.57 -14.44
CA LEU B 122 2.04 19.72 -14.32
C LEU B 122 2.42 21.19 -14.40
N LEU B 123 2.88 21.77 -13.29
CA LEU B 123 3.23 23.17 -13.24
C LEU B 123 4.66 23.42 -13.75
N ASP B 124 5.63 22.65 -13.25
CA ASP B 124 7.06 22.86 -13.47
C ASP B 124 7.79 21.55 -13.17
N PHE B 125 8.93 21.30 -13.84
CA PHE B 125 9.86 20.27 -13.39
C PHE B 125 11.29 20.76 -13.55
N LYS B 126 12.05 20.86 -12.43
CA LYS B 126 13.46 21.25 -12.43
C LYS B 126 14.30 19.97 -12.40
N GLY B 127 15.41 19.95 -13.12
CA GLY B 127 16.28 18.78 -13.16
C GLY B 127 17.01 18.60 -11.82
N GLU B 128 17.10 17.34 -11.36
CA GLU B 128 17.55 16.92 -10.03
C GLU B 128 18.44 18.02 -9.37
C4 A1IN5 C . -4.16 -12.95 2.04
C14 A1IN5 C . -1.78 -9.24 3.35
C5 A1IN5 C . -3.54 -13.81 1.15
C6 A1IN5 C . -3.61 -13.57 -0.22
C11 A1IN5 C . -1.69 -10.26 -0.95
C7 A1IN5 C . -1.90 -15.12 -0.81
C8 A1IN5 C . -4.29 -12.45 -0.70
C9 A1IN5 C . -3.32 -11.35 -2.58
C10 A1IN5 C . -2.86 -10.30 -1.62
C12 A1IN5 C . -1.25 -9.21 0.03
C13 A1IN5 C . -2.32 -8.80 1.06
N1 A1IN5 C . -2.22 -11.64 4.01
C3 A1IN5 C . -4.83 -11.81 1.55
C1 A1IN5 C . -6.87 -10.28 0.08
O1 A1IN5 C . -5.54 -10.50 -0.34
C2 A1IN5 C . -4.90 -11.58 0.20
O2 A1IN5 C . -3.07 -14.39 -1.17
O3 A1IN5 C . -4.30 -12.26 -2.05
O4 A1IN5 C . -2.27 -9.69 2.19
O5 A1IN5 C . -1.39 -8.11 3.55
C15 A1IN5 C . -1.78 -10.29 4.44
C16 A1IN5 C . -0.38 -10.35 5.03
C17 A1IN5 C . 0.53 -10.97 4.00
C18 A1IN5 C . 0.18 -12.41 3.85
C19 A1IN5 C . -1.26 -12.59 3.40
C20 A1IN5 C . -3.52 -11.90 4.10
O6 A1IN5 C . -4.29 -11.03 4.54
C21 A1IN5 C . -4.06 -13.21 3.54
C22 A1IN5 C . -5.39 -13.64 4.21
C23 A1IN5 C . -5.97 -14.86 3.52
C24 A1IN5 C . -7.32 -15.23 4.08
C25 A1IN5 C . -7.15 -15.59 5.56
C26 A1IN5 C . -6.53 -14.45 6.35
C27 A1IN5 C . -5.24 -13.87 5.72
H5 A1IN5 C . -3.09 -14.57 1.47
H12 A1IN5 C . -1.07 -10.96 -1.12
H7 A1IN5 C . -1.55 -15.57 -1.60
H8 A1IN5 C . -2.13 -15.78 -0.13
H6 A1IN5 C . -1.23 -14.51 -0.46
H9 A1IN5 C . -3.70 -10.90 -3.37
H10 A1IN5 C . -2.54 -11.86 -2.88
H11 A1IN5 C . -3.45 -9.60 -1.46
H13 A1IN5 C . -0.99 -8.41 -0.47
H14 A1IN5 C . -0.48 -9.54 0.51
H15 A1IN5 C . -3.21 -8.82 0.66
H16 A1IN5 C . -2.15 -7.88 1.35
H4 A1IN5 C . -5.24 -11.23 2.16
H2 A1IN5 C . -7.25 -9.54 -0.42
H3 A1IN5 C . -6.89 -10.08 1.03
H1 A1IN5 C . -7.40 -11.08 -0.10
H17 A1IN5 C . -2.41 -9.99 5.16
H18 A1IN5 C . -0.38 -10.89 5.86
H19 A1IN5 C . -0.06 -9.43 5.25
H21 A1IN5 C . 0.44 -10.51 3.14
H20 A1IN5 C . 1.48 -10.90 4.29
H23 A1IN5 C . 0.77 -12.82 3.19
H22 A1IN5 C . 0.30 -12.87 4.70
H25 A1IN5 C . -1.30 -12.49 2.42
H24 A1IN5 C . -1.54 -13.50 3.62
H26 A1IN5 C . -3.39 -13.92 3.69
H27 A1IN5 C . -6.04 -12.89 4.09
H29 A1IN5 C . -6.06 -14.69 2.56
H28 A1IN5 C . -5.35 -15.61 3.62
H30 A1IN5 C . -7.69 -16.00 3.59
H31 A1IN5 C . -7.94 -14.48 3.99
H32 A1IN5 C . -6.57 -16.39 5.64
H33 A1IN5 C . -8.02 -15.82 5.95
H34 A1IN5 C . -6.33 -14.76 7.26
H35 A1IN5 C . -7.19 -13.73 6.44
H37 A1IN5 C . -5.03 -13.02 6.16
H36 A1IN5 C . -4.50 -14.49 5.89
C4 A1IN5 D . -3.57 10.63 -0.87
C14 A1IN5 D . -0.14 9.25 -3.55
C5 A1IN5 D . -3.44 11.83 -0.20
C6 A1IN5 D . -2.85 11.88 1.05
C11 A1IN5 D . 0.72 10.07 0.97
C7 A1IN5 D . -2.04 14.14 1.21
C8 A1IN5 D . -2.49 10.71 1.70
C9 A1IN5 D . -0.49 10.76 3.08
C10 A1IN5 D . 0.18 11.02 1.75
C12 A1IN5 D . 1.26 10.12 -0.39
C13 A1IN5 D . 0.76 8.97 -1.28
N1 A1IN5 D . -2.14 10.60 -3.52
C3 A1IN5 D . -3.18 9.45 -0.25
C1 A1IN5 D . -2.39 7.11 1.26
O1 A1IN5 D . -2.18 8.43 1.76
C2 A1IN5 D . -2.67 9.49 1.04
O2 A1IN5 D . -2.69 13.01 1.78
O3 A1IN5 D . -1.93 10.77 2.96
O4 A1IN5 D . -0.24 9.49 -2.22
O5 A1IN5 D . 0.70 8.59 -4.06
C15 A1IN5 D . -1.24 9.84 -4.38
C16 A1IN5 D . -0.63 10.72 -5.47
C17 A1IN5 D . -0.09 12.02 -4.88
C18 A1IN5 D . -1.18 12.78 -4.18
C19 A1IN5 D . -1.74 11.95 -3.06
C20 A1IN5 D . -3.23 9.91 -3.10
O6 A1IN5 D . -3.37 8.71 -3.31
C21 A1IN5 D . -4.22 10.62 -2.24
C22 A1IN5 D . -5.62 9.99 -2.31
C23 A1IN5 D . -6.49 10.48 -1.15
C24 A1IN5 D . -7.91 9.98 -1.19
C25 A1IN5 D . -8.57 10.24 -2.54
C26 A1IN5 D . -7.72 9.75 -3.69
C27 A1IN5 D . -6.29 10.31 -3.64
H5 A1IN5 D . -3.70 12.64 -0.63
H12 A1IN5 D . 0.71 9.20 1.34
H7 A1IN5 D . -1.97 14.85 1.87
H8 A1IN5 D . -2.56 14.45 0.45
H6 A1IN5 D . -1.15 13.88 0.91
H9 A1IN5 D . -0.21 9.89 3.41
H10 A1IN5 D . -0.21 11.44 3.73
H11 A1IN5 D . 0.22 11.90 1.46
H13 A1IN5 D . 2.23 10.07 -0.36
H14 A1IN5 D . 1.02 10.97 -0.81
H15 A1IN5 D . 0.36 8.27 -0.72
H16 A1IN5 D . 1.51 8.59 -1.76
H4 A1IN5 D . -3.30 8.63 -0.69
H2 A1IN5 D . -2.00 6.47 1.88
H3 A1IN5 D . -1.96 7.01 0.39
H1 A1IN5 D . -3.34 6.94 1.17
H17 A1IN5 D . -1.75 9.10 -4.81
H18 A1IN5 D . -1.30 10.92 -6.16
H19 A1IN5 D . 0.12 10.23 -5.93
H21 A1IN5 D . 0.62 11.82 -4.24
H20 A1IN5 D . 0.29 12.58 -5.58
H23 A1IN5 D . -0.83 13.62 -3.83
H22 A1IN5 D . -1.89 12.99 -4.83
H25 A1IN5 D . -1.07 11.87 -2.34
H24 A1IN5 D . -2.52 12.41 -2.68
H26 A1IN5 D . -4.28 11.57 -2.54
H27 A1IN5 D . -5.53 9.00 -2.24
H29 A1IN5 D . -6.09 10.21 -0.31
H28 A1IN5 D . -6.51 11.47 -1.17
H30 A1IN5 D . -8.43 10.43 -0.49
H31 A1IN5 D . -7.91 9.01 -1.01
H32 A1IN5 D . -8.72 11.20 -2.65
H33 A1IN5 D . -9.44 9.77 -2.57
H34 A1IN5 D . -8.15 10.01 -4.54
H35 A1IN5 D . -7.69 8.77 -3.68
H37 A1IN5 D . -5.77 9.93 -4.37
H36 A1IN5 D . -6.32 11.29 -3.76
#